data_6Y8Z
#
_entry.id   6Y8Z
#
_cell.length_a   47.200
_cell.length_b   94.210
_cell.length_c   146.690
_cell.angle_alpha   90.000
_cell.angle_beta   90.000
_cell.angle_gamma   90.000
#
_symmetry.space_group_name_H-M   'P 2 21 21'
#
loop_
_entity.id
_entity.type
_entity.pdbx_description
1 polymer 'Phosphoglucomutase 5'
2 non-polymer 'NICKEL (II) ION'
3 non-polymer 'CALCIUM ION'
4 non-polymer 'SODIUM ION'
5 non-polymer GLYCEROL
6 non-polymer 'ACETATE ION'
7 water water
#
_entity_poly.entity_id   1
_entity_poly.type   'polypeptide(L)'
_entity_poly.pdbx_seq_one_letter_code
;MHHHHHHSSGVDLGTENLYFQSMETNPIPVVTVQTTPFDDQKPGTNGLRKKTTVFESKKNYLQNYIQSVLSSIDLRDRQG
CTMVVGSDGRYFSRTAIEVIVQMAAANGIGRLVIGHNGILSTPAVSCIIRKIKAIGGIILTA(SEP)RNPGGPNGDFGIK
FNVANGGPAPDTVIDKIHQVSRTLEEYAICPDMRIDLSRLGRQDFDLENKFKPFRVEIVDSVEVYLNLLRGIFDFNAIKG
LLTGPDQLKMRVDAMSGVMGPYVRRILCDELGAPANSAVNCVPLEDFGGHYPDPNLTYATGLVDAMKGGEFGFGAAFDAD
GDRCMILGQNAFFVNPSDSLAVVAANLSCIPYFRQVGVRGFARSMPTSTAIDRVAKAMKVAVYETPAGWRFFGNLMDSGR
CSFCGEESFGMGSDHIREKDGLWTVLVWLSIMAARKQGVEDIVRDHWTKLGRNYFCRFDYEAIDPRAAFYLMKDLEAVIS
DKAFCSQKFAVGNSVYSVEKADNFEYIDPVDGTVARNQGLRIIFSESSRLIFRLSSGTGGVGATIRIYAESFERDPERHN
REPQVVLGPLIAIALKISDIHERTGRRGPTVIT
;
_entity_poly.pdbx_strand_id   A
#
# COMPACT_ATOMS: atom_id res chain seq x y z
N TYR A 19 -33.23 24.88 -19.67
CA TYR A 19 -33.31 26.13 -18.91
C TYR A 19 -33.76 25.87 -17.48
N PHE A 20 -33.12 26.55 -16.52
CA PHE A 20 -33.51 26.48 -15.13
C PHE A 20 -33.18 27.80 -14.46
N GLN A 21 -33.94 28.11 -13.40
CA GLN A 21 -33.76 29.34 -12.64
C GLN A 21 -33.69 29.01 -11.15
N SER A 22 -32.86 29.74 -10.43
CA SER A 22 -32.67 29.50 -9.00
C SER A 22 -32.16 30.79 -8.35
N MET A 23 -31.99 30.74 -7.04
CA MET A 23 -31.57 31.88 -6.25
C MET A 23 -30.21 31.59 -5.61
N GLU A 24 -29.45 32.66 -5.35
CA GLU A 24 -28.17 32.57 -4.69
C GLU A 24 -28.08 33.64 -3.61
N THR A 25 -27.21 33.39 -2.63
CA THR A 25 -26.96 34.33 -1.55
C THR A 25 -25.46 34.36 -1.27
N ASN A 26 -24.87 35.55 -1.36
CA ASN A 26 -23.45 35.74 -1.11
C ASN A 26 -22.61 34.71 -1.88
N PRO A 27 -22.66 34.72 -3.20
CA PRO A 27 -21.90 33.73 -3.98
C PRO A 27 -20.41 33.87 -3.76
N ILE A 28 -19.75 32.75 -3.52
CA ILE A 28 -18.30 32.72 -3.32
C ILE A 28 -17.64 32.99 -4.66
N PRO A 29 -16.79 34.01 -4.76
CA PRO A 29 -16.15 34.30 -6.06
C PRO A 29 -15.11 33.25 -6.42
N VAL A 30 -14.84 33.16 -7.73
CA VAL A 30 -13.81 32.29 -8.28
C VAL A 30 -12.66 33.16 -8.74
N VAL A 31 -11.44 32.72 -8.45
CA VAL A 31 -10.22 33.49 -8.69
C VAL A 31 -9.29 32.69 -9.59
N THR A 32 -8.78 33.34 -10.63
CA THR A 32 -7.73 32.78 -11.46
C THR A 32 -6.39 33.36 -11.02
N VAL A 33 -5.37 32.52 -10.97
CA VAL A 33 -4.05 32.89 -10.46
C VAL A 33 -3.01 32.54 -11.51
N GLN A 34 -2.19 33.51 -11.87
CA GLN A 34 -1.05 33.25 -12.75
C GLN A 34 0.04 32.54 -11.96
N THR A 35 0.64 31.52 -12.58
CA THR A 35 1.63 30.69 -11.90
C THR A 35 2.69 30.25 -12.91
N THR A 36 3.65 29.47 -12.42
CA THR A 36 4.77 28.97 -13.20
C THR A 36 4.86 27.46 -13.03
N PRO A 37 5.16 26.72 -14.11
CA PRO A 37 5.25 25.27 -13.99
C PRO A 37 6.53 24.82 -13.31
N PHE A 38 6.44 23.64 -12.69
CA PHE A 38 7.57 22.99 -12.07
C PHE A 38 7.95 21.76 -12.87
N ASP A 39 9.23 21.38 -12.81
CA ASP A 39 9.74 20.30 -13.63
C ASP A 39 9.54 18.92 -13.02
N ASP A 40 9.43 18.83 -11.69
CA ASP A 40 9.46 17.54 -11.00
C ASP A 40 8.09 17.08 -10.53
N GLN A 41 7.00 17.74 -10.94
CA GLN A 41 5.67 17.42 -10.44
C GLN A 41 5.07 16.24 -11.22
N LYS A 42 5.79 15.13 -11.21
CA LYS A 42 5.29 13.85 -11.68
C LYS A 42 5.23 12.87 -10.52
N PRO A 43 4.11 12.23 -10.27
CA PRO A 43 4.02 11.32 -9.12
C PRO A 43 4.70 9.98 -9.39
N GLY A 44 5.22 9.40 -8.32
CA GLY A 44 5.84 8.10 -8.38
C GLY A 44 4.81 6.99 -8.32
N THR A 45 5.27 5.80 -7.91
CA THR A 45 4.39 4.65 -7.86
C THR A 45 3.33 4.80 -6.78
N ASN A 46 3.60 5.57 -5.74
CA ASN A 46 2.65 5.80 -4.66
C ASN A 46 2.32 7.29 -4.53
N GLY A 47 2.22 7.98 -5.67
CA GLY A 47 1.86 9.38 -5.66
C GLY A 47 3.07 10.30 -5.66
N LEU A 48 2.77 11.59 -5.57
CA LEU A 48 3.80 12.63 -5.53
C LEU A 48 4.15 12.90 -4.07
N ARG A 49 5.34 12.48 -3.65
CA ARG A 49 5.82 12.72 -2.30
C ARG A 49 6.98 13.70 -2.33
N LYS A 50 6.91 14.71 -1.46
CA LYS A 50 8.00 15.64 -1.25
C LYS A 50 8.13 15.88 0.25
N LYS A 51 9.17 16.58 0.64
CA LYS A 51 9.25 17.08 2.00
C LYS A 51 8.06 18.00 2.25
N THR A 52 7.46 17.87 3.44
CA THR A 52 6.27 18.65 3.75
C THR A 52 6.49 20.14 3.48
N THR A 53 7.69 20.64 3.77
CA THR A 53 7.96 22.06 3.59
C THR A 53 7.80 22.48 2.14
N VAL A 54 8.02 21.56 1.20
CA VAL A 54 7.83 21.89 -0.22
C VAL A 54 6.37 22.27 -0.48
N PHE A 55 5.44 21.39 -0.10
CA PHE A 55 4.02 21.69 -0.30
C PHE A 55 3.58 22.89 0.54
N GLU A 56 4.24 23.12 1.68
CA GLU A 56 3.75 24.12 2.63
C GLU A 56 4.24 25.53 2.32
N SER A 57 5.44 25.68 1.79
CA SER A 57 6.04 27.01 1.62
C SER A 57 6.45 27.33 0.19
N LYS A 58 6.87 26.34 -0.60
CA LYS A 58 7.16 26.60 -2.01
C LYS A 58 5.90 27.13 -2.69
N LYS A 59 5.98 28.35 -3.19
CA LYS A 59 4.79 29.07 -3.64
C LYS A 59 4.12 28.35 -4.81
N ASN A 60 2.79 28.20 -4.70
CA ASN A 60 1.95 27.61 -5.73
C ASN A 60 2.32 26.18 -6.09
N TYR A 61 3.22 25.55 -5.33
CA TYR A 61 3.56 24.16 -5.61
C TYR A 61 2.35 23.26 -5.39
N LEU A 62 1.69 23.42 -4.24
CA LEU A 62 0.50 22.63 -3.95
C LEU A 62 -0.63 22.95 -4.93
N GLN A 63 -0.85 24.24 -5.20
CA GLN A 63 -1.92 24.63 -6.10
C GLN A 63 -1.67 24.10 -7.51
N ASN A 64 -0.42 24.19 -7.99
CA ASN A 64 -0.12 23.75 -9.33
C ASN A 64 -0.47 22.28 -9.53
N TYR A 65 -0.15 21.43 -8.54
CA TYR A 65 -0.37 20.00 -8.72
C TYR A 65 -1.84 19.65 -8.58
N ILE A 66 -2.54 20.26 -7.64
CA ILE A 66 -3.98 20.02 -7.52
C ILE A 66 -4.68 20.41 -8.82
N GLN A 67 -4.31 21.55 -9.39
CA GLN A 67 -4.89 21.97 -10.67
C GLN A 67 -4.60 20.93 -11.74
N SER A 68 -3.35 20.47 -11.82
CA SER A 68 -2.98 19.49 -12.84
C SER A 68 -3.74 18.19 -12.66
N VAL A 69 -3.95 17.78 -11.40
CA VAL A 69 -4.73 16.57 -11.14
C VAL A 69 -6.17 16.74 -11.62
N LEU A 70 -6.77 17.89 -11.29
CA LEU A 70 -8.15 18.14 -11.71
C LEU A 70 -8.26 18.29 -13.22
N SER A 71 -7.25 18.88 -13.86
CA SER A 71 -7.29 19.07 -15.31
C SER A 71 -7.12 17.75 -16.06
N SER A 72 -6.58 16.72 -15.41
CA SER A 72 -6.45 15.41 -16.06
C SER A 72 -7.78 14.70 -16.22
N ILE A 73 -8.88 15.29 -15.73
CA ILE A 73 -10.22 14.74 -15.88
C ILE A 73 -10.93 15.54 -16.97
N ASP A 74 -11.53 14.82 -17.93
CA ASP A 74 -12.29 15.47 -18.99
C ASP A 74 -13.28 16.46 -18.40
N LEU A 75 -13.21 17.71 -18.86
CA LEU A 75 -14.04 18.77 -18.29
C LEU A 75 -15.52 18.44 -18.34
N ARG A 76 -15.95 17.56 -19.25
CA ARG A 76 -17.36 17.19 -19.32
C ARG A 76 -17.69 16.12 -18.29
N ASP A 77 -16.79 15.15 -18.09
CA ASP A 77 -16.95 14.24 -16.95
C ASP A 77 -16.68 14.97 -15.64
N ARG A 78 -15.85 16.01 -15.67
CA ARG A 78 -15.50 16.73 -14.45
C ARG A 78 -16.68 17.53 -13.92
N GLN A 79 -17.38 18.23 -14.81
CA GLN A 79 -18.47 19.11 -14.37
C GLN A 79 -19.57 18.30 -13.70
N GLY A 80 -19.86 18.62 -12.45
CA GLY A 80 -20.93 17.96 -11.73
C GLY A 80 -20.60 16.59 -11.20
N CYS A 81 -19.32 16.25 -11.10
CA CYS A 81 -18.90 14.94 -10.64
C CYS A 81 -18.69 14.95 -9.12
N THR A 82 -18.37 13.78 -8.57
CA THR A 82 -18.05 13.64 -7.16
C THR A 82 -16.63 13.10 -7.00
N MET A 83 -15.89 13.67 -6.04
CA MET A 83 -14.56 13.20 -5.69
C MET A 83 -14.49 12.94 -4.20
N VAL A 84 -13.76 11.90 -3.81
CA VAL A 84 -13.52 11.58 -2.42
C VAL A 84 -12.16 12.14 -2.02
N VAL A 85 -12.07 12.65 -0.79
CA VAL A 85 -10.83 13.24 -0.28
C VAL A 85 -10.59 12.72 1.13
N GLY A 86 -9.37 12.31 1.40
CA GLY A 86 -9.01 11.82 2.72
C GLY A 86 -7.51 11.90 2.94
N SER A 87 -7.13 11.80 4.21
CA SER A 87 -5.72 11.92 4.60
C SER A 87 -5.41 10.92 5.70
N ASP A 88 -4.13 10.66 5.90
CA ASP A 88 -3.69 9.81 7.00
C ASP A 88 -3.51 10.60 8.29
N GLY A 89 -3.85 11.88 8.30
CA GLY A 89 -3.82 12.69 9.49
C GLY A 89 -2.54 13.45 9.74
N ARG A 90 -1.52 13.24 8.92
CA ARG A 90 -0.22 13.86 9.17
C ARG A 90 -0.32 15.38 9.06
N TYR A 91 0.66 16.05 9.67
CA TYR A 91 0.75 17.50 9.64
C TYR A 91 0.63 18.02 8.21
N PHE A 92 -0.17 19.08 8.04
CA PHE A 92 -0.44 19.80 6.80
C PHE A 92 -1.65 19.23 6.06
N SER A 93 -2.19 18.08 6.49
CA SER A 93 -3.30 17.47 5.76
C SER A 93 -4.50 18.41 5.71
N ARG A 94 -4.87 19.00 6.84
CA ARG A 94 -6.06 19.86 6.88
C ARG A 94 -5.92 21.04 5.93
N THR A 95 -4.72 21.63 5.87
CA THR A 95 -4.50 22.75 4.96
C THR A 95 -4.63 22.31 3.51
N ALA A 96 -4.01 21.19 3.15
CA ALA A 96 -4.14 20.68 1.80
C ALA A 96 -5.60 20.40 1.46
N ILE A 97 -6.35 19.82 2.40
CA ILE A 97 -7.76 19.54 2.15
C ILE A 97 -8.51 20.84 1.85
N GLU A 98 -8.29 21.86 2.66
CA GLU A 98 -8.96 23.14 2.43
C GLU A 98 -8.67 23.66 1.03
N VAL A 99 -7.39 23.69 0.65
CA VAL A 99 -7.03 24.12 -0.69
C VAL A 99 -7.68 23.24 -1.73
N ILE A 100 -7.75 21.93 -1.48
CA ILE A 100 -8.37 21.02 -2.43
C ILE A 100 -9.84 21.36 -2.61
N VAL A 101 -10.54 21.65 -1.51
CA VAL A 101 -11.95 22.02 -1.60
C VAL A 101 -12.10 23.32 -2.38
N GLN A 102 -11.23 24.30 -2.11
CA GLN A 102 -11.35 25.59 -2.78
C GLN A 102 -11.07 25.49 -4.27
N MET A 103 -10.21 24.56 -4.69
CA MET A 103 -9.88 24.41 -6.10
C MET A 103 -10.77 23.42 -6.82
N ALA A 104 -11.36 22.45 -6.12
CA ALA A 104 -12.37 21.62 -6.74
C ALA A 104 -13.62 22.43 -7.06
N ALA A 105 -14.03 23.29 -6.12
CA ALA A 105 -15.14 24.21 -6.38
C ALA A 105 -14.86 25.07 -7.60
N ALA A 106 -13.69 25.71 -7.64
CA ALA A 106 -13.36 26.61 -8.73
C ALA A 106 -13.26 25.90 -10.06
N ASN A 107 -13.06 24.58 -10.07
CA ASN A 107 -12.87 23.83 -11.29
C ASN A 107 -14.11 23.05 -11.71
N GLY A 108 -15.27 23.36 -11.12
CA GLY A 108 -16.51 22.77 -11.55
C GLY A 108 -16.89 21.45 -10.92
N ILE A 109 -16.10 20.96 -9.96
CA ILE A 109 -16.46 19.72 -9.29
C ILE A 109 -17.80 19.89 -8.62
N GLY A 110 -18.66 18.87 -8.74
CA GLY A 110 -20.00 18.94 -8.21
C GLY A 110 -20.07 18.72 -6.71
N ARG A 111 -19.37 17.70 -6.21
CA ARG A 111 -19.45 17.34 -4.81
C ARG A 111 -18.13 16.76 -4.34
N LEU A 112 -17.82 16.99 -3.07
CA LEU A 112 -16.69 16.36 -2.39
C LEU A 112 -17.20 15.59 -1.19
N VAL A 113 -16.75 14.35 -1.06
CA VAL A 113 -17.02 13.52 0.11
C VAL A 113 -15.71 13.42 0.88
N ILE A 114 -15.68 14.05 2.06
CA ILE A 114 -14.47 14.17 2.86
C ILE A 114 -14.71 13.46 4.19
N GLY A 115 -13.67 12.79 4.68
CA GLY A 115 -13.78 12.09 5.94
C GLY A 115 -13.79 13.03 7.13
N HIS A 116 -14.50 12.61 8.17
CA HIS A 116 -14.53 13.34 9.43
C HIS A 116 -13.11 13.70 9.86
N ASN A 117 -12.89 14.99 10.15
CA ASN A 117 -11.59 15.52 10.54
C ASN A 117 -10.54 15.27 9.46
N GLY A 118 -10.96 15.07 8.21
CA GLY A 118 -10.03 14.77 7.15
C GLY A 118 -9.44 13.38 7.21
N ILE A 119 -10.04 12.48 8.00
CA ILE A 119 -9.50 11.16 8.27
C ILE A 119 -10.24 10.17 7.38
N LEU A 120 -9.52 9.57 6.42
CA LEU A 120 -10.01 8.43 5.68
C LEU A 120 -8.80 7.55 5.35
N SER A 121 -8.89 6.28 5.71
CA SER A 121 -7.83 5.36 5.33
C SER A 121 -7.84 5.15 3.82
N THR A 122 -6.67 4.77 3.29
CA THR A 122 -6.59 4.45 1.86
C THR A 122 -7.61 3.41 1.45
N PRO A 123 -7.79 2.30 2.16
CA PRO A 123 -8.85 1.36 1.77
C PRO A 123 -10.24 1.96 1.84
N ALA A 124 -10.50 2.83 2.83
CA ALA A 124 -11.80 3.46 2.92
C ALA A 124 -12.07 4.35 1.72
N VAL A 125 -11.08 5.15 1.32
CA VAL A 125 -11.21 5.96 0.12
C VAL A 125 -11.57 5.09 -1.08
N SER A 126 -10.82 4.00 -1.28
CA SER A 126 -11.09 3.12 -2.40
C SER A 126 -12.50 2.56 -2.35
N CYS A 127 -12.93 2.14 -1.16
CA CYS A 127 -14.28 1.63 -1.00
C CYS A 127 -15.31 2.69 -1.33
N ILE A 128 -15.13 3.91 -0.80
CA ILE A 128 -16.14 4.95 -0.96
C ILE A 128 -16.24 5.40 -2.41
N ILE A 129 -15.09 5.53 -3.09
CA ILE A 129 -15.12 5.87 -4.51
C ILE A 129 -16.02 4.90 -5.26
N ARG A 130 -15.79 3.60 -5.07
CA ARG A 130 -16.56 2.60 -5.79
C ARG A 130 -18.02 2.59 -5.32
N LYS A 131 -18.25 2.75 -4.02
CA LYS A 131 -19.61 2.68 -3.49
C LYS A 131 -20.50 3.76 -4.11
N ILE A 132 -20.01 5.00 -4.15
CA ILE A 132 -20.82 6.12 -4.62
C ILE A 132 -20.57 6.43 -6.09
N LYS A 133 -19.77 5.62 -6.78
CA LYS A 133 -19.48 5.83 -8.20
C LYS A 133 -18.88 7.21 -8.43
N ALA A 134 -17.95 7.60 -7.57
CA ALA A 134 -17.23 8.86 -7.76
C ALA A 134 -16.27 8.74 -8.93
N ILE A 135 -15.85 9.90 -9.46
CA ILE A 135 -14.90 9.89 -10.56
C ILE A 135 -13.50 9.55 -10.08
N GLY A 136 -13.21 9.72 -8.80
CA GLY A 136 -11.90 9.44 -8.27
C GLY A 136 -11.75 10.04 -6.88
N GLY A 137 -10.52 10.07 -6.41
CA GLY A 137 -10.25 10.61 -5.10
C GLY A 137 -8.82 11.02 -4.93
N ILE A 138 -8.60 11.95 -4.01
CA ILE A 138 -7.27 12.40 -3.61
C ILE A 138 -7.02 11.88 -2.21
N ILE A 139 -5.91 11.16 -2.04
CA ILE A 139 -5.49 10.64 -0.74
C ILE A 139 -4.22 11.37 -0.35
N LEU A 140 -4.24 12.01 0.82
CA LEU A 140 -3.10 12.78 1.32
C LEU A 140 -2.35 11.89 2.29
N THR A 141 -1.28 11.25 1.81
CA THR A 141 -0.50 10.36 2.65
C THR A 141 0.89 10.19 2.05
N ALA A 142 1.86 9.95 2.93
CA ALA A 142 3.21 9.56 2.51
C ALA A 142 3.54 8.21 3.13
N ARG A 144 4.66 5.24 5.00
CA ARG A 144 5.58 4.94 6.07
C ARG A 144 6.43 6.13 6.50
N ASN A 145 6.47 7.16 5.68
CA ASN A 145 7.38 8.26 5.92
C ASN A 145 6.89 9.13 7.06
N PRO A 146 7.80 9.75 7.82
CA PRO A 146 7.39 10.50 9.01
C PRO A 146 6.54 11.71 8.65
N GLY A 147 5.76 12.15 9.63
CA GLY A 147 4.95 13.34 9.52
C GLY A 147 5.53 14.49 10.34
N GLY A 148 4.86 15.63 10.24
CA GLY A 148 5.29 16.82 10.93
C GLY A 148 5.83 17.86 9.98
N PRO A 149 6.10 19.06 10.50
CA PRO A 149 6.59 20.14 9.63
C PRO A 149 7.82 19.78 8.82
N ASN A 150 8.78 19.08 9.41
CA ASN A 150 9.98 18.67 8.70
C ASN A 150 9.95 17.21 8.28
N GLY A 151 8.78 16.59 8.31
CA GLY A 151 8.58 15.26 7.75
C GLY A 151 8.22 15.35 6.28
N ASP A 152 7.55 14.30 5.80
CA ASP A 152 7.21 14.15 4.40
C ASP A 152 5.70 14.25 4.19
N PHE A 153 5.32 14.59 2.96
CA PHE A 153 3.92 14.75 2.59
C PHE A 153 3.72 14.22 1.18
N GLY A 154 2.56 13.61 0.94
CA GLY A 154 2.29 13.00 -0.34
C GLY A 154 0.85 13.23 -0.77
N ILE A 155 0.64 13.11 -2.08
CA ILE A 155 -0.67 13.31 -2.68
C ILE A 155 -0.89 12.17 -3.69
N LYS A 156 -1.77 11.24 -3.35
CA LYS A 156 -2.16 10.15 -4.22
C LYS A 156 -3.47 10.49 -4.93
N PHE A 157 -3.61 10.03 -6.17
CA PHE A 157 -4.83 10.20 -6.95
C PHE A 157 -5.31 8.83 -7.39
N ASN A 158 -6.55 8.49 -7.02
CA ASN A 158 -7.18 7.26 -7.45
C ASN A 158 -8.30 7.58 -8.43
N VAL A 159 -8.59 6.62 -9.31
CA VAL A 159 -9.54 6.85 -10.39
C VAL A 159 -10.87 6.16 -10.07
N ALA A 160 -11.74 6.06 -11.07
CA ALA A 160 -13.13 5.70 -10.83
C ALA A 160 -13.29 4.29 -10.28
N ASN A 161 -12.38 3.38 -10.63
CA ASN A 161 -12.43 2.04 -10.06
C ASN A 161 -11.91 1.99 -8.63
N GLY A 162 -11.56 3.14 -8.04
CA GLY A 162 -11.10 3.20 -6.68
C GLY A 162 -9.63 2.84 -6.50
N GLY A 163 -8.92 2.56 -7.58
CA GLY A 163 -7.53 2.16 -7.49
C GLY A 163 -6.59 3.25 -7.95
N PRO A 164 -5.28 3.02 -7.81
CA PRO A 164 -4.31 4.04 -8.18
C PRO A 164 -4.41 4.43 -9.64
N ALA A 165 -4.03 5.67 -9.92
CA ALA A 165 -4.11 6.17 -11.29
C ALA A 165 -3.22 5.32 -12.19
N PRO A 166 -3.69 4.96 -13.39
CA PRO A 166 -2.83 4.22 -14.32
C PRO A 166 -1.71 5.09 -14.84
N ASP A 167 -0.70 4.44 -15.41
CA ASP A 167 0.43 5.17 -15.96
C ASP A 167 -0.01 6.19 -17.01
N THR A 168 -1.19 6.02 -17.58
CA THR A 168 -1.66 6.94 -18.61
C THR A 168 -2.16 8.25 -18.01
N VAL A 169 -2.82 8.17 -16.85
CA VAL A 169 -3.29 9.39 -16.19
C VAL A 169 -2.11 10.13 -15.56
N ILE A 170 -1.10 9.40 -15.09
CA ILE A 170 0.09 10.05 -14.56
C ILE A 170 0.75 10.90 -15.64
N ASP A 171 0.98 10.32 -16.81
CA ASP A 171 1.55 11.09 -17.92
C ASP A 171 0.74 12.35 -18.18
N LYS A 172 -0.60 12.23 -18.15
CA LYS A 172 -1.45 13.40 -18.32
C LYS A 172 -1.16 14.44 -17.24
N ILE A 173 -1.17 14.01 -15.97
CA ILE A 173 -0.92 14.94 -14.87
C ILE A 173 0.44 15.61 -15.05
N HIS A 174 1.46 14.82 -15.39
CA HIS A 174 2.78 15.39 -15.62
C HIS A 174 2.75 16.45 -16.73
N GLN A 175 2.18 16.08 -17.89
CA GLN A 175 2.15 17.00 -19.02
C GLN A 175 1.52 18.34 -18.63
N VAL A 176 0.45 18.31 -17.84
CA VAL A 176 -0.20 19.56 -17.44
C VAL A 176 0.68 20.33 -16.46
N SER A 177 1.35 19.61 -15.55
CA SER A 177 2.19 20.28 -14.56
C SER A 177 3.38 20.98 -15.22
N ARG A 178 4.00 20.33 -16.21
CA ARG A 178 5.11 20.95 -16.91
C ARG A 178 4.71 22.26 -17.59
N THR A 179 3.45 22.38 -17.99
CA THR A 179 3.02 23.49 -18.83
C THR A 179 2.00 24.40 -18.16
N LEU A 180 1.63 24.13 -16.91
CA LEU A 180 0.58 24.91 -16.28
C LEU A 180 0.94 26.38 -16.21
N GLU A 181 0.05 27.23 -16.72
CA GLU A 181 0.24 28.68 -16.70
C GLU A 181 -0.66 29.38 -15.70
N GLU A 182 -1.83 28.82 -15.40
CA GLU A 182 -2.75 29.41 -14.44
C GLU A 182 -3.49 28.29 -13.72
N TYR A 183 -4.17 28.66 -12.63
CA TYR A 183 -5.06 27.75 -11.92
C TYR A 183 -6.20 28.56 -11.32
N ALA A 184 -7.27 27.85 -10.96
CA ALA A 184 -8.48 28.48 -10.43
C ALA A 184 -8.73 28.00 -9.00
N ILE A 185 -9.31 28.87 -8.19
CA ILE A 185 -9.46 28.61 -6.75
C ILE A 185 -10.51 29.56 -6.19
N CYS A 186 -11.16 29.13 -5.11
CA CYS A 186 -12.12 29.94 -4.37
C CYS A 186 -11.54 30.27 -2.99
N PRO A 187 -10.64 31.26 -2.91
CA PRO A 187 -9.88 31.44 -1.66
C PRO A 187 -10.73 31.83 -0.46
N ASP A 188 -11.93 32.38 -0.66
CA ASP A 188 -12.74 32.80 0.46
C ASP A 188 -13.57 31.67 1.05
N MET A 189 -13.54 30.48 0.45
CA MET A 189 -14.31 29.35 0.94
C MET A 189 -13.61 28.73 2.13
N ARG A 190 -14.36 28.53 3.22
CA ARG A 190 -13.87 27.86 4.40
C ARG A 190 -14.75 26.64 4.69
N ILE A 191 -14.14 25.58 5.23
CA ILE A 191 -14.82 24.31 5.44
C ILE A 191 -14.52 23.83 6.86
N ASP A 192 -15.54 23.25 7.50
CA ASP A 192 -15.43 22.69 8.84
C ASP A 192 -15.43 21.17 8.72
N LEU A 193 -14.28 20.55 8.99
CA LEU A 193 -14.15 19.10 8.88
C LEU A 193 -14.60 18.36 10.13
N SER A 194 -14.90 19.07 11.22
CA SER A 194 -15.21 18.44 12.50
C SER A 194 -16.66 18.03 12.64
N ARG A 195 -17.57 18.65 11.89
CA ARG A 195 -19.00 18.35 11.99
C ARG A 195 -19.43 17.48 10.82
N LEU A 196 -20.07 16.36 11.14
CA LEU A 196 -20.65 15.52 10.10
C LEU A 196 -21.85 16.23 9.48
N GLY A 197 -22.10 15.96 8.22
CA GLY A 197 -23.23 16.49 7.50
C GLY A 197 -22.82 17.25 6.26
N ARG A 198 -23.80 17.89 5.64
CA ARG A 198 -23.63 18.58 4.37
C ARG A 198 -23.36 20.05 4.58
N GLN A 199 -22.50 20.62 3.73
CA GLN A 199 -22.19 22.04 3.71
C GLN A 199 -22.27 22.50 2.26
N ASP A 200 -23.36 23.17 1.92
CA ASP A 200 -23.56 23.67 0.57
C ASP A 200 -23.00 25.08 0.43
N PHE A 201 -22.49 25.39 -0.76
CA PHE A 201 -21.90 26.69 -1.06
C PHE A 201 -22.46 27.18 -2.39
N ASP A 202 -22.97 28.41 -2.40
CA ASP A 202 -23.32 29.08 -3.64
C ASP A 202 -22.05 29.67 -4.25
N LEU A 203 -21.75 29.30 -5.48
CA LEU A 203 -20.57 29.78 -6.19
C LEU A 203 -20.95 30.70 -7.33
N GLU A 204 -20.08 31.66 -7.61
CA GLU A 204 -20.24 32.50 -8.79
C GLU A 204 -20.14 31.65 -10.05
N ASN A 205 -21.13 31.80 -10.93
CA ASN A 205 -21.13 31.17 -12.25
C ASN A 205 -21.37 29.66 -12.18
N LYS A 206 -21.91 29.16 -11.07
CA LYS A 206 -22.30 27.76 -10.95
C LYS A 206 -23.76 27.71 -10.54
N PHE A 207 -24.58 27.01 -11.33
CA PHE A 207 -26.01 26.95 -11.04
C PHE A 207 -26.28 26.12 -9.78
N LYS A 208 -25.94 24.84 -9.81
CA LYS A 208 -26.13 24.01 -8.64
C LYS A 208 -25.17 24.43 -7.53
N PRO A 209 -25.58 24.38 -6.28
CA PRO A 209 -24.65 24.68 -5.19
C PRO A 209 -23.53 23.65 -5.13
N PHE A 210 -22.35 24.10 -4.72
CA PHE A 210 -21.22 23.21 -4.50
C PHE A 210 -21.42 22.51 -3.16
N ARG A 211 -21.30 21.18 -3.16
CA ARG A 211 -21.66 20.36 -2.02
C ARG A 211 -20.44 19.69 -1.43
N VAL A 212 -20.29 19.79 -0.11
CA VAL A 212 -19.28 19.07 0.64
C VAL A 212 -19.99 18.22 1.68
N GLU A 213 -19.78 16.91 1.61
CA GLU A 213 -20.32 15.96 2.57
C GLU A 213 -19.19 15.51 3.49
N ILE A 214 -19.34 15.79 4.78
CA ILE A 214 -18.42 15.29 5.79
C ILE A 214 -19.02 13.98 6.31
N VAL A 215 -18.33 12.87 6.08
CA VAL A 215 -18.87 11.55 6.34
C VAL A 215 -18.08 10.88 7.45
N ASP A 216 -18.74 9.95 8.14
CA ASP A 216 -18.05 9.13 9.13
C ASP A 216 -16.89 8.39 8.47
N SER A 217 -15.72 8.43 9.10
CA SER A 217 -14.53 7.85 8.49
C SER A 217 -14.65 6.34 8.29
N VAL A 218 -15.50 5.66 9.06
CA VAL A 218 -15.44 4.21 9.17
C VAL A 218 -16.68 3.52 8.61
N GLU A 219 -17.84 4.18 8.69
CA GLU A 219 -19.12 3.50 8.54
C GLU A 219 -19.21 2.72 7.23
N VAL A 220 -19.11 3.40 6.10
CA VAL A 220 -19.29 2.75 4.81
C VAL A 220 -18.27 1.64 4.63
N TYR A 221 -17.02 1.91 5.01
CA TYR A 221 -15.99 0.88 4.94
C TYR A 221 -16.36 -0.33 5.79
N LEU A 222 -16.82 -0.08 7.02
CA LEU A 222 -17.23 -1.18 7.88
C LEU A 222 -18.35 -1.99 7.23
N ASN A 223 -19.31 -1.32 6.61
CA ASN A 223 -20.43 -2.05 5.99
C ASN A 223 -19.93 -2.98 4.90
N LEU A 224 -18.92 -2.56 4.14
CA LEU A 224 -18.34 -3.44 3.13
C LEU A 224 -17.75 -4.69 3.78
N LEU A 225 -17.00 -4.52 4.87
CA LEU A 225 -16.37 -5.65 5.52
C LEU A 225 -17.41 -6.60 6.12
N ARG A 226 -18.50 -6.05 6.65
CA ARG A 226 -19.52 -6.90 7.28
C ARG A 226 -20.12 -7.89 6.28
N GLY A 227 -20.19 -7.51 5.00
CA GLY A 227 -20.67 -8.44 4.00
C GLY A 227 -19.62 -9.42 3.51
N ILE A 228 -18.35 -9.16 3.78
CA ILE A 228 -17.27 -10.03 3.34
C ILE A 228 -16.98 -11.13 4.36
N PHE A 229 -16.94 -10.78 5.63
CA PHE A 229 -16.51 -11.68 6.68
C PHE A 229 -17.69 -12.15 7.52
N ASP A 230 -17.43 -13.20 8.29
CA ASP A 230 -18.37 -13.72 9.28
C ASP A 230 -18.03 -13.05 10.62
N PHE A 231 -18.63 -11.89 10.86
CA PHE A 231 -18.33 -11.16 12.08
C PHE A 231 -18.65 -11.96 13.33
N ASN A 232 -19.63 -12.87 13.25
CA ASN A 232 -19.97 -13.68 14.41
C ASN A 232 -18.83 -14.66 14.74
N ALA A 233 -18.21 -15.23 13.72
CA ALA A 233 -17.08 -16.13 13.97
C ALA A 233 -15.89 -15.37 14.55
N ILE A 234 -15.63 -14.17 14.05
CA ILE A 234 -14.50 -13.39 14.55
C ILE A 234 -14.76 -12.96 15.99
N LYS A 235 -15.96 -12.44 16.26
CA LYS A 235 -16.28 -11.98 17.61
C LYS A 235 -16.17 -13.12 18.62
N GLY A 236 -16.57 -14.33 18.21
CA GLY A 236 -16.42 -15.47 19.10
C GLY A 236 -14.97 -15.73 19.44
N LEU A 237 -14.06 -15.49 18.49
CA LEU A 237 -12.64 -15.70 18.74
C LEU A 237 -12.09 -14.67 19.72
N LEU A 238 -12.59 -13.43 19.67
CA LEU A 238 -12.06 -12.35 20.47
C LEU A 238 -12.73 -12.20 21.82
N THR A 239 -13.75 -13.00 22.11
CA THR A 239 -14.51 -12.91 23.35
C THR A 239 -14.61 -14.30 23.97
N GLY A 240 -15.21 -14.34 25.16
CA GLY A 240 -15.42 -15.59 25.85
C GLY A 240 -14.24 -15.98 26.71
N PRO A 241 -14.32 -17.14 27.36
CA PRO A 241 -13.22 -17.57 28.24
C PRO A 241 -11.94 -17.87 27.49
N ASP A 242 -12.03 -18.52 26.34
CA ASP A 242 -10.87 -18.86 25.51
C ASP A 242 -10.57 -17.77 24.49
N GLN A 243 -10.64 -16.50 24.89
CA GLN A 243 -10.54 -15.41 23.93
C GLN A 243 -9.09 -15.19 23.51
N LEU A 244 -8.92 -14.90 22.22
CA LEU A 244 -7.61 -14.50 21.71
C LEU A 244 -7.20 -13.19 22.35
N LYS A 245 -6.03 -13.18 22.99
CA LYS A 245 -5.44 -11.95 23.49
C LYS A 245 -4.60 -11.34 22.37
N MET A 246 -4.79 -10.04 22.14
CA MET A 246 -4.42 -9.43 20.87
C MET A 246 -3.98 -8.00 21.10
N ARG A 247 -2.95 -7.58 20.37
CA ARG A 247 -2.46 -6.20 20.39
C ARG A 247 -2.36 -5.70 18.96
N VAL A 248 -3.09 -4.63 18.65
CA VAL A 248 -3.14 -4.06 17.31
C VAL A 248 -2.71 -2.60 17.40
N ASP A 249 -1.60 -2.28 16.73
CA ASP A 249 -0.95 -0.98 16.83
C ASP A 249 -1.17 -0.20 15.53
N ALA A 250 -1.98 0.85 15.60
CA ALA A 250 -2.20 1.73 14.46
C ALA A 250 -1.10 2.77 14.29
N MET A 251 -0.08 2.72 15.14
CA MET A 251 1.11 3.57 15.04
C MET A 251 0.73 5.05 14.99
N SER A 252 -0.32 5.41 15.72
CA SER A 252 -0.76 6.79 15.83
C SER A 252 -1.10 7.39 14.46
N GLY A 253 -1.50 6.52 13.53
CA GLY A 253 -1.88 6.95 12.20
C GLY A 253 -3.38 6.90 11.96
N VAL A 254 -3.78 6.66 10.71
CA VAL A 254 -5.17 6.82 10.32
C VAL A 254 -6.05 5.71 10.88
N MET A 255 -5.48 4.57 11.23
CA MET A 255 -6.29 3.39 11.52
C MET A 255 -6.86 3.38 12.93
N GLY A 256 -6.49 4.34 13.78
CA GLY A 256 -6.98 4.40 15.14
C GLY A 256 -8.47 4.18 15.25
N PRO A 257 -9.26 5.09 14.68
CA PRO A 257 -10.72 4.93 14.78
C PRO A 257 -11.23 3.65 14.15
N TYR A 258 -10.60 3.17 13.08
CA TYR A 258 -11.04 1.93 12.45
C TYR A 258 -10.86 0.75 13.41
N VAL A 259 -9.71 0.69 14.09
CA VAL A 259 -9.47 -0.37 15.06
C VAL A 259 -10.52 -0.32 16.17
N ARG A 260 -10.71 0.84 16.77
CA ARG A 260 -11.66 0.96 17.88
C ARG A 260 -13.08 0.63 17.44
N ARG A 261 -13.52 1.20 16.32
N ARG A 261 -13.52 1.20 16.31
CA ARG A 261 -14.90 1.02 15.90
CA ARG A 261 -14.90 1.02 15.91
C ARG A 261 -15.17 -0.41 15.47
C ARG A 261 -15.18 -0.42 15.48
N ILE A 262 -14.21 -1.06 14.82
CA ILE A 262 -14.43 -2.37 14.22
C ILE A 262 -13.98 -3.50 15.12
N LEU A 263 -12.75 -3.45 15.62
CA LEU A 263 -12.24 -4.59 16.39
C LEU A 263 -12.76 -4.57 17.82
N CYS A 264 -12.89 -3.38 18.42
CA CYS A 264 -13.34 -3.28 19.80
C CYS A 264 -14.86 -3.16 19.89
N ASP A 265 -15.41 -2.09 19.32
CA ASP A 265 -16.85 -1.86 19.46
C ASP A 265 -17.66 -2.97 18.78
N GLU A 266 -17.38 -3.24 17.51
CA GLU A 266 -18.20 -4.19 16.77
C GLU A 266 -17.86 -5.64 17.10
N LEU A 267 -16.58 -5.96 17.16
CA LEU A 267 -16.13 -7.35 17.31
C LEU A 267 -15.74 -7.71 18.74
N GLY A 268 -15.84 -6.77 19.68
CA GLY A 268 -15.77 -7.09 21.09
C GLY A 268 -14.39 -7.17 21.71
N ALA A 269 -13.34 -6.80 20.96
CA ALA A 269 -12.01 -6.82 21.54
C ALA A 269 -11.95 -5.84 22.71
N PRO A 270 -11.25 -6.16 23.79
CA PRO A 270 -11.13 -5.20 24.89
C PRO A 270 -10.34 -3.98 24.48
N ALA A 271 -10.61 -2.88 25.18
CA ALA A 271 -10.04 -1.59 24.79
C ALA A 271 -8.51 -1.64 24.77
N ASN A 272 -7.90 -2.32 25.74
CA ASN A 272 -6.44 -2.35 25.80
C ASN A 272 -5.82 -3.07 24.62
N SER A 273 -6.63 -3.70 23.76
CA SER A 273 -6.10 -4.29 22.53
C SER A 273 -5.76 -3.23 21.49
N ALA A 274 -6.38 -2.06 21.56
CA ALA A 274 -6.15 -0.98 20.60
C ALA A 274 -5.05 -0.08 21.13
N VAL A 275 -3.92 -0.07 20.43
CA VAL A 275 -2.73 0.65 20.88
C VAL A 275 -2.42 1.75 19.86
N ASN A 276 -2.05 2.92 20.37
CA ASN A 276 -1.71 4.07 19.54
C ASN A 276 -2.79 4.35 18.50
N CYS A 277 -4.06 4.26 18.94
CA CYS A 277 -5.20 4.44 18.06
C CYS A 277 -5.78 5.85 18.12
N VAL A 278 -4.96 6.84 18.46
CA VAL A 278 -5.32 8.24 18.31
C VAL A 278 -4.48 8.80 17.15
N PRO A 279 -5.07 9.15 16.02
CA PRO A 279 -4.28 9.73 14.92
C PRO A 279 -3.59 11.00 15.36
N LEU A 280 -2.30 11.12 15.01
CA LEU A 280 -1.46 12.25 15.39
C LEU A 280 -0.76 12.81 14.16
N GLU A 281 -0.60 14.14 14.14
CA GLU A 281 -0.01 14.79 12.98
C GLU A 281 1.45 14.44 12.79
N ASP A 282 2.13 13.96 13.83
CA ASP A 282 3.50 13.49 13.73
C ASP A 282 3.62 11.99 13.97
N PHE A 283 2.50 11.30 14.11
CA PHE A 283 2.49 9.86 14.39
C PHE A 283 3.22 9.56 15.70
N GLY A 284 3.13 10.48 16.65
CA GLY A 284 3.76 10.30 17.94
C GLY A 284 5.27 10.45 17.93
N GLY A 285 5.83 11.01 16.86
CA GLY A 285 7.27 11.12 16.76
C GLY A 285 7.96 9.87 16.26
N HIS A 286 7.21 8.94 15.69
CA HIS A 286 7.76 7.67 15.24
C HIS A 286 7.35 7.40 13.80
N TYR A 287 8.17 6.61 13.12
CA TYR A 287 7.90 6.28 11.73
C TYR A 287 6.71 5.31 11.68
N PRO A 288 5.60 5.67 11.02
CA PRO A 288 4.47 4.75 10.95
C PRO A 288 4.73 3.62 9.96
N ASP A 289 5.71 2.76 10.28
CA ASP A 289 6.18 1.72 9.38
C ASP A 289 6.04 0.36 10.05
N PRO A 290 5.04 -0.45 9.67
CA PRO A 290 4.83 -1.73 10.35
C PRO A 290 5.84 -2.79 9.94
N ASN A 291 6.93 -2.91 10.70
CA ASN A 291 7.90 -3.98 10.51
C ASN A 291 8.65 -4.19 11.81
N LEU A 292 9.49 -5.21 11.83
CA LEU A 292 10.24 -5.54 13.04
C LEU A 292 11.14 -4.39 13.46
N THR A 293 11.57 -3.55 12.51
CA THR A 293 12.55 -2.51 12.82
C THR A 293 11.91 -1.32 13.52
N TYR A 294 10.72 -0.90 13.10
CA TYR A 294 10.11 0.32 13.61
C TYR A 294 8.88 0.09 14.48
N ALA A 295 8.23 -1.06 14.39
CA ALA A 295 7.14 -1.39 15.30
C ALA A 295 7.67 -2.03 16.57
N THR A 296 8.69 -1.40 17.16
CA THR A 296 9.38 -1.99 18.31
C THR A 296 8.45 -2.13 19.51
N GLY A 297 7.51 -1.20 19.68
CA GLY A 297 6.57 -1.31 20.78
C GLY A 297 5.72 -2.57 20.70
N LEU A 298 5.19 -2.86 19.50
CA LEU A 298 4.42 -4.08 19.33
C LEU A 298 5.29 -5.31 19.53
N VAL A 299 6.50 -5.32 18.97
CA VAL A 299 7.37 -6.47 19.11
C VAL A 299 7.67 -6.75 20.57
N ASP A 300 8.04 -5.70 21.33
CA ASP A 300 8.33 -5.88 22.74
CA ASP A 300 8.33 -5.88 22.74
C ASP A 300 7.14 -6.45 23.48
N ALA A 301 5.92 -5.98 23.16
CA ALA A 301 4.74 -6.51 23.82
C ALA A 301 4.51 -7.97 23.46
N MET A 302 4.71 -8.32 22.20
CA MET A 302 4.46 -9.70 21.77
C MET A 302 5.50 -10.66 22.33
N LYS A 303 6.72 -10.17 22.58
CA LYS A 303 7.77 -11.05 23.11
C LYS A 303 7.48 -11.48 24.54
N GLY A 304 6.67 -10.73 25.28
CA GLY A 304 6.31 -11.13 26.63
C GLY A 304 5.63 -12.48 26.70
N GLY A 305 5.07 -12.96 25.59
CA GLY A 305 4.37 -14.22 25.56
C GLY A 305 2.92 -14.15 25.99
N GLU A 306 2.41 -12.96 26.31
CA GLU A 306 1.05 -12.81 26.82
C GLU A 306 0.00 -12.73 25.73
N PHE A 307 0.40 -12.62 24.47
CA PHE A 307 -0.55 -12.33 23.38
C PHE A 307 -0.41 -13.36 22.28
N GLY A 308 -1.55 -13.85 21.79
CA GLY A 308 -1.57 -14.80 20.70
C GLY A 308 -1.60 -14.19 19.32
N PHE A 309 -1.77 -12.88 19.21
CA PHE A 309 -1.87 -12.24 17.90
C PHE A 309 -1.47 -10.77 18.03
N GLY A 310 -0.59 -10.33 17.14
CA GLY A 310 -0.22 -8.93 17.08
C GLY A 310 -0.31 -8.44 15.66
N ALA A 311 -0.46 -7.12 15.52
CA ALA A 311 -0.58 -6.51 14.21
C ALA A 311 -0.25 -5.02 14.29
N ALA A 312 0.43 -4.52 13.27
CA ALA A 312 0.70 -3.10 13.14
C ALA A 312 0.32 -2.63 11.73
N PHE A 313 -0.13 -1.38 11.64
CA PHE A 313 -0.53 -0.78 10.38
C PHE A 313 0.37 0.42 10.07
N ASP A 314 0.50 0.72 8.78
CA ASP A 314 1.22 1.93 8.38
C ASP A 314 0.27 3.12 8.45
N ALA A 315 0.79 4.29 8.09
CA ALA A 315 0.09 5.54 8.35
C ALA A 315 -1.29 5.58 7.69
N ASP A 316 -1.39 5.13 6.45
CA ASP A 316 -2.64 5.21 5.70
C ASP A 316 -3.43 3.91 5.71
N GLY A 317 -2.95 2.88 6.39
CA GLY A 317 -3.75 1.72 6.70
C GLY A 317 -3.85 0.66 5.62
N ASP A 318 -2.99 0.69 4.60
CA ASP A 318 -3.06 -0.31 3.55
C ASP A 318 -2.00 -1.40 3.68
N ARG A 319 -1.03 -1.24 4.59
CA ARG A 319 -0.01 -2.23 4.84
C ARG A 319 -0.10 -2.70 6.28
N CYS A 320 0.33 -3.95 6.51
CA CYS A 320 0.10 -4.60 7.80
C CYS A 320 1.18 -5.65 8.05
N MET A 321 1.71 -5.64 9.28
CA MET A 321 2.55 -6.72 9.78
C MET A 321 1.74 -7.59 10.73
N ILE A 322 1.86 -8.90 10.57
CA ILE A 322 1.19 -9.88 11.42
C ILE A 322 2.24 -10.55 12.29
N LEU A 323 1.94 -10.67 13.59
CA LEU A 323 2.82 -11.33 14.54
C LEU A 323 2.03 -12.39 15.30
N GLY A 324 2.67 -13.54 15.53
CA GLY A 324 2.09 -14.60 16.33
C GLY A 324 2.56 -14.56 17.77
N GLN A 325 2.19 -15.60 18.51
CA GLN A 325 2.59 -15.69 19.91
C GLN A 325 4.11 -15.66 20.03
N ASN A 326 4.60 -14.92 21.02
CA ASN A 326 6.03 -14.73 21.25
C ASN A 326 6.69 -13.96 20.10
N ALA A 327 5.91 -13.15 19.37
CA ALA A 327 6.42 -12.35 18.27
C ALA A 327 6.95 -13.21 17.13
N PHE A 328 6.29 -14.35 16.90
CA PHE A 328 6.55 -15.13 15.70
C PHE A 328 6.26 -14.26 14.48
N PHE A 329 7.28 -14.04 13.66
CA PHE A 329 7.16 -13.13 12.52
C PHE A 329 6.56 -13.86 11.33
N VAL A 330 5.41 -13.37 10.85
CA VAL A 330 4.80 -13.90 9.64
C VAL A 330 5.36 -13.08 8.48
N ASN A 331 6.26 -13.70 7.71
CA ASN A 331 6.82 -13.01 6.55
C ASN A 331 5.72 -12.60 5.59
N PRO A 332 5.72 -11.37 5.08
CA PRO A 332 4.63 -10.95 4.18
C PRO A 332 4.41 -11.90 3.01
N SER A 333 5.46 -12.52 2.48
CA SER A 333 5.29 -13.44 1.36
C SER A 333 4.64 -14.75 1.82
N ASP A 334 4.85 -15.14 3.07
CA ASP A 334 4.17 -16.30 3.62
C ASP A 334 2.73 -15.96 3.96
N SER A 335 2.49 -14.80 4.58
CA SER A 335 1.13 -14.35 4.82
C SER A 335 0.30 -14.43 3.54
N LEU A 336 0.88 -14.00 2.42
CA LEU A 336 0.19 -14.07 1.15
C LEU A 336 -0.21 -15.50 0.82
N ALA A 337 0.76 -16.41 0.84
CA ALA A 337 0.48 -17.81 0.46
C ALA A 337 -0.50 -18.45 1.44
N VAL A 338 -0.32 -18.22 2.74
CA VAL A 338 -1.17 -18.85 3.74
C VAL A 338 -2.62 -18.43 3.54
N VAL A 339 -2.86 -17.12 3.40
CA VAL A 339 -4.23 -16.64 3.20
C VAL A 339 -4.80 -17.20 1.91
N ALA A 340 -4.01 -17.22 0.83
CA ALA A 340 -4.49 -17.75 -0.43
C ALA A 340 -4.97 -19.18 -0.30
N ALA A 341 -4.35 -19.96 0.58
CA ALA A 341 -4.69 -21.37 0.76
C ALA A 341 -5.87 -21.59 1.70
N ASN A 342 -6.40 -20.53 2.31
CA ASN A 342 -7.47 -20.67 3.29
C ASN A 342 -8.62 -19.72 3.00
N LEU A 343 -8.73 -19.23 1.76
CA LEU A 343 -9.83 -18.34 1.41
C LEU A 343 -11.19 -19.02 1.56
N SER A 344 -11.23 -20.35 1.57
CA SER A 344 -12.50 -21.04 1.76
C SER A 344 -13.09 -20.81 3.14
N CYS A 345 -12.29 -20.33 4.10
CA CYS A 345 -12.79 -20.00 5.43
C CYS A 345 -13.59 -18.70 5.47
N ILE A 346 -13.68 -17.99 4.35
CA ILE A 346 -14.25 -16.65 4.30
C ILE A 346 -15.56 -16.72 3.53
N PRO A 347 -16.68 -16.24 4.08
CA PRO A 347 -17.94 -16.31 3.33
C PRO A 347 -17.86 -15.69 1.94
N TYR A 348 -17.16 -14.56 1.80
CA TYR A 348 -17.10 -13.88 0.51
C TYR A 348 -16.59 -14.81 -0.59
N PHE A 349 -15.46 -15.47 -0.34
CA PHE A 349 -14.87 -16.30 -1.39
C PHE A 349 -15.60 -17.62 -1.57
N ARG A 350 -16.28 -18.11 -0.53
CA ARG A 350 -17.11 -19.29 -0.70
C ARG A 350 -18.21 -19.05 -1.73
N GLN A 351 -18.74 -17.83 -1.78
CA GLN A 351 -19.88 -17.53 -2.64
C GLN A 351 -19.47 -17.08 -4.04
N VAL A 352 -18.41 -16.27 -4.16
CA VAL A 352 -18.01 -15.75 -5.46
C VAL A 352 -16.84 -16.52 -6.07
N GLY A 353 -16.19 -17.38 -5.32
CA GLY A 353 -15.11 -18.19 -5.86
C GLY A 353 -13.79 -17.43 -5.94
N VAL A 354 -12.76 -18.17 -6.35
CA VAL A 354 -11.40 -17.65 -6.46
C VAL A 354 -11.05 -17.67 -7.94
N ARG A 355 -10.90 -16.48 -8.53
CA ARG A 355 -10.63 -16.37 -9.95
C ARG A 355 -9.15 -16.49 -10.29
N GLY A 356 -8.27 -16.05 -9.41
CA GLY A 356 -6.85 -16.07 -9.67
C GLY A 356 -6.10 -15.28 -8.61
N PHE A 357 -4.78 -15.48 -8.61
CA PHE A 357 -3.88 -14.84 -7.67
C PHE A 357 -2.90 -13.96 -8.43
N ALA A 358 -2.35 -12.97 -7.71
CA ALA A 358 -1.30 -12.12 -8.28
C ALA A 358 -0.34 -11.70 -7.18
N ARG A 359 0.94 -11.60 -7.54
CA ARG A 359 1.98 -11.08 -6.67
C ARG A 359 2.91 -10.22 -7.49
N SER A 360 3.60 -9.29 -6.82
CA SER A 360 4.68 -8.58 -7.47
C SER A 360 5.84 -9.53 -7.69
N MET A 361 6.66 -9.21 -8.70
CA MET A 361 7.75 -10.12 -9.05
C MET A 361 8.74 -10.34 -7.91
N PRO A 362 9.07 -9.34 -7.08
CA PRO A 362 9.99 -9.60 -5.96
C PRO A 362 9.40 -10.47 -4.87
N THR A 363 8.07 -10.58 -4.78
CA THR A 363 7.45 -11.38 -3.74
C THR A 363 7.79 -12.86 -3.93
N SER A 364 7.95 -13.57 -2.81
CA SER A 364 8.35 -14.96 -2.88
C SER A 364 7.32 -15.77 -3.65
N THR A 365 7.78 -16.87 -4.24
CA THR A 365 6.93 -17.75 -5.03
C THR A 365 6.11 -18.70 -4.17
N ALA A 366 6.00 -18.45 -2.87
CA ALA A 366 5.20 -19.32 -2.01
C ALA A 366 3.77 -19.44 -2.51
N ILE A 367 3.16 -18.32 -2.91
CA ILE A 367 1.77 -18.36 -3.37
C ILE A 367 1.66 -19.16 -4.67
N ASP A 368 2.70 -19.13 -5.51
CA ASP A 368 2.67 -19.92 -6.74
C ASP A 368 2.44 -21.39 -6.45
N ARG A 369 3.05 -21.90 -5.37
CA ARG A 369 2.82 -23.29 -4.98
C ARG A 369 1.37 -23.51 -4.56
N VAL A 370 0.77 -22.51 -3.90
CA VAL A 370 -0.65 -22.59 -3.57
C VAL A 370 -1.49 -22.57 -4.84
N ALA A 371 -1.17 -21.67 -5.77
CA ALA A 371 -1.90 -21.61 -7.02
C ALA A 371 -1.79 -22.91 -7.80
N LYS A 372 -0.65 -23.60 -7.69
CA LYS A 372 -0.48 -24.86 -8.41
C LYS A 372 -1.37 -25.94 -7.80
N ALA A 373 -1.39 -26.05 -6.48
CA ALA A 373 -2.22 -27.06 -5.83
C ALA A 373 -3.70 -26.81 -6.09
N MET A 374 -4.11 -25.54 -6.10
CA MET A 374 -5.51 -25.19 -6.31
C MET A 374 -5.89 -25.11 -7.78
N LYS A 375 -4.92 -25.20 -8.69
CA LYS A 375 -5.19 -25.12 -10.12
C LYS A 375 -5.85 -23.78 -10.47
N VAL A 376 -5.29 -22.70 -9.93
CA VAL A 376 -5.73 -21.35 -10.23
C VAL A 376 -4.56 -20.59 -10.82
N ALA A 377 -4.87 -19.63 -11.69
CA ALA A 377 -3.83 -18.83 -12.32
C ALA A 377 -3.14 -17.93 -11.29
N VAL A 378 -1.85 -17.68 -11.50
CA VAL A 378 -1.09 -16.74 -10.69
C VAL A 378 -0.38 -15.78 -11.64
N TYR A 379 -0.49 -14.50 -11.38
CA TYR A 379 0.14 -13.46 -12.19
C TYR A 379 1.30 -12.84 -11.43
N GLU A 380 2.32 -12.44 -12.18
CA GLU A 380 3.55 -11.86 -11.65
C GLU A 380 3.67 -10.46 -12.24
N THR A 381 3.48 -9.44 -11.41
CA THR A 381 3.41 -8.06 -11.85
C THR A 381 4.61 -7.24 -11.36
N PRO A 382 4.77 -6.02 -11.85
CA PRO A 382 5.74 -5.11 -11.25
C PRO A 382 5.30 -4.69 -9.87
N ALA A 383 6.27 -4.26 -9.07
CA ALA A 383 5.96 -3.69 -7.77
C ALA A 383 4.99 -2.52 -7.94
N GLY A 384 4.02 -2.43 -7.05
CA GLY A 384 3.02 -1.38 -7.10
C GLY A 384 1.64 -1.96 -7.35
N TRP A 385 0.64 -1.43 -6.66
CA TRP A 385 -0.72 -1.93 -6.79
C TRP A 385 -1.37 -1.52 -8.10
N ARG A 386 -0.74 -0.63 -8.87
CA ARG A 386 -1.35 -0.13 -10.10
C ARG A 386 -1.77 -1.27 -11.01
N PHE A 387 -0.96 -2.33 -11.08
CA PHE A 387 -1.18 -3.40 -12.05
C PHE A 387 -2.13 -4.48 -11.56
N PHE A 388 -2.34 -4.60 -10.25
CA PHE A 388 -3.33 -5.54 -9.77
C PHE A 388 -4.75 -5.12 -10.14
N GLY A 389 -4.97 -3.82 -10.35
CA GLY A 389 -6.32 -3.34 -10.56
C GLY A 389 -6.94 -3.86 -11.85
N ASN A 390 -6.17 -3.81 -12.94
CA ASN A 390 -6.66 -4.34 -14.20
C ASN A 390 -6.93 -5.83 -14.11
N LEU A 391 -6.07 -6.57 -13.41
CA LEU A 391 -6.28 -8.00 -13.22
C LEU A 391 -7.58 -8.26 -12.47
N MET A 392 -7.91 -7.41 -11.51
CA MET A 392 -9.16 -7.57 -10.77
C MET A 392 -10.35 -7.11 -11.61
N ASP A 393 -10.24 -5.94 -12.24
CA ASP A 393 -11.35 -5.43 -13.04
C ASP A 393 -11.79 -6.42 -14.10
N SER A 394 -10.84 -7.14 -14.70
CA SER A 394 -11.13 -8.07 -15.76
C SER A 394 -11.54 -9.45 -15.27
N GLY A 395 -11.56 -9.67 -13.95
CA GLY A 395 -11.89 -10.97 -13.41
C GLY A 395 -10.78 -12.00 -13.50
N ARG A 396 -9.57 -11.60 -13.88
CA ARG A 396 -8.46 -12.55 -13.92
C ARG A 396 -7.97 -12.89 -12.51
N CYS A 397 -8.15 -11.99 -11.55
N CYS A 397 -8.13 -11.98 -11.56
CA CYS A 397 -7.58 -12.13 -10.22
CA CYS A 397 -7.59 -12.15 -10.22
C CYS A 397 -8.58 -11.71 -9.16
C CYS A 397 -8.60 -11.73 -9.17
N SER A 398 -8.62 -12.48 -8.06
CA SER A 398 -9.47 -12.16 -6.91
C SER A 398 -8.69 -11.76 -5.68
N PHE A 399 -7.42 -12.15 -5.58
CA PHE A 399 -6.63 -11.99 -4.36
C PHE A 399 -5.18 -11.78 -4.76
N CYS A 400 -4.50 -10.86 -4.09
CA CYS A 400 -3.13 -10.55 -4.46
C CYS A 400 -2.44 -9.84 -3.31
N GLY A 401 -1.11 -9.75 -3.40
CA GLY A 401 -0.33 -9.15 -2.34
C GLY A 401 1.10 -8.94 -2.78
N GLU A 402 1.85 -8.24 -1.92
CA GLU A 402 3.24 -7.90 -2.17
C GLU A 402 4.09 -8.24 -0.95
N GLU A 403 5.37 -8.47 -1.18
CA GLU A 403 6.31 -8.72 -0.09
C GLU A 403 6.46 -7.52 0.84
N SER A 404 6.03 -6.34 0.40
CA SER A 404 6.15 -5.14 1.22
C SER A 404 4.95 -4.97 2.16
N PHE A 405 4.61 -6.05 2.87
CA PHE A 405 3.56 -6.04 3.90
C PHE A 405 2.19 -5.64 3.33
N GLY A 406 1.93 -5.98 2.08
CA GLY A 406 0.70 -5.58 1.40
C GLY A 406 -0.11 -6.78 0.95
N MET A 407 -1.42 -6.70 1.17
CA MET A 407 -2.35 -7.75 0.78
C MET A 407 -3.70 -7.09 0.51
N GLY A 408 -4.46 -7.69 -0.40
CA GLY A 408 -5.77 -7.16 -0.75
C GLY A 408 -6.55 -8.14 -1.58
N SER A 409 -7.80 -7.77 -1.88
CA SER A 409 -8.68 -8.57 -2.72
C SER A 409 -9.52 -7.63 -3.57
N ASP A 410 -10.36 -8.22 -4.43
CA ASP A 410 -11.20 -7.41 -5.31
C ASP A 410 -12.35 -6.73 -4.57
N HIS A 411 -12.43 -6.82 -3.24
CA HIS A 411 -13.41 -6.01 -2.51
C HIS A 411 -13.15 -4.52 -2.68
N ILE A 412 -11.91 -4.14 -3.01
CA ILE A 412 -11.57 -2.78 -3.39
C ILE A 412 -10.45 -2.85 -4.42
N ARG A 413 -9.79 -1.73 -4.69
CA ARG A 413 -8.66 -1.67 -5.61
C ARG A 413 -7.42 -1.08 -4.94
N GLU A 414 -7.33 -1.27 -3.62
CA GLU A 414 -6.13 -0.91 -2.86
C GLU A 414 -5.82 -2.07 -1.91
N LYS A 415 -4.57 -2.13 -1.46
CA LYS A 415 -4.25 -3.05 -0.39
C LYS A 415 -4.92 -2.58 0.90
N ASP A 416 -5.10 -3.51 1.83
CA ASP A 416 -5.97 -3.27 2.98
C ASP A 416 -5.39 -3.96 4.21
N GLY A 417 -4.94 -3.18 5.19
CA GLY A 417 -4.34 -3.75 6.38
C GLY A 417 -5.35 -4.41 7.30
N LEU A 418 -6.46 -3.71 7.58
CA LEU A 418 -7.45 -4.29 8.49
C LEU A 418 -8.08 -5.54 7.89
N TRP A 419 -8.37 -5.50 6.58
CA TRP A 419 -8.80 -6.72 5.89
C TRP A 419 -7.84 -7.86 6.16
N THR A 420 -6.53 -7.58 6.09
CA THR A 420 -5.55 -8.64 6.34
C THR A 420 -5.68 -9.19 7.75
N VAL A 421 -5.99 -8.34 8.73
CA VAL A 421 -6.19 -8.81 10.09
C VAL A 421 -7.45 -9.67 10.18
N LEU A 422 -8.54 -9.21 9.57
CA LEU A 422 -9.81 -9.93 9.68
C LEU A 422 -9.74 -11.29 9.00
N VAL A 423 -9.03 -11.37 7.86
CA VAL A 423 -8.93 -12.64 7.17
C VAL A 423 -8.08 -13.61 7.99
N TRP A 424 -7.05 -13.10 8.66
CA TRP A 424 -6.25 -13.96 9.52
C TRP A 424 -7.06 -14.45 10.72
N LEU A 425 -7.78 -13.54 11.38
CA LEU A 425 -8.63 -13.96 12.50
C LEU A 425 -9.69 -14.96 12.05
N SER A 426 -10.28 -14.75 10.87
CA SER A 426 -11.26 -15.70 10.36
C SER A 426 -10.64 -17.08 10.18
N ILE A 427 -9.40 -17.13 9.69
CA ILE A 427 -8.74 -18.41 9.47
C ILE A 427 -8.40 -19.08 10.80
N MET A 428 -7.93 -18.29 11.78
CA MET A 428 -7.66 -18.83 13.10
C MET A 428 -8.92 -19.39 13.74
N ALA A 429 -10.03 -18.65 13.64
CA ALA A 429 -11.28 -19.12 14.23
C ALA A 429 -11.77 -20.39 13.53
N ALA A 430 -11.67 -20.45 12.21
CA ALA A 430 -12.20 -21.60 11.49
C ALA A 430 -11.31 -22.82 11.64
N ARG A 431 -9.99 -22.63 11.76
CA ARG A 431 -9.06 -23.73 11.90
C ARG A 431 -8.74 -24.06 13.35
N LYS A 432 -9.21 -23.26 14.30
CA LYS A 432 -8.95 -23.49 15.72
C LYS A 432 -7.45 -23.60 15.99
N GLN A 433 -6.67 -22.71 15.37
CA GLN A 433 -5.21 -22.74 15.47
C GLN A 433 -4.67 -21.33 15.64
N GLY A 434 -3.50 -21.24 16.27
CA GLY A 434 -2.78 -19.98 16.36
C GLY A 434 -1.97 -19.69 15.11
N VAL A 435 -1.38 -18.50 15.08
CA VAL A 435 -0.67 -18.04 13.89
C VAL A 435 0.46 -19.01 13.55
N GLU A 436 1.34 -19.29 14.51
CA GLU A 436 2.52 -20.09 14.22
C GLU A 436 2.15 -21.49 13.73
N ASP A 437 1.18 -22.13 14.40
CA ASP A 437 0.78 -23.48 13.97
C ASP A 437 0.20 -23.47 12.56
N ILE A 438 -0.51 -22.42 12.18
CA ILE A 438 -1.02 -22.33 10.81
C ILE A 438 0.13 -22.23 9.82
N VAL A 439 1.09 -21.35 10.09
CA VAL A 439 2.22 -21.15 9.17
C VAL A 439 3.05 -22.43 9.09
N ARG A 440 3.35 -23.04 10.24
CA ARG A 440 4.19 -24.24 10.23
C ARG A 440 3.47 -25.41 9.57
N ASP A 441 2.16 -25.54 9.80
CA ASP A 441 1.40 -26.54 9.06
C ASP A 441 1.44 -26.27 7.57
N HIS A 442 1.33 -24.99 7.18
CA HIS A 442 1.43 -24.64 5.76
C HIS A 442 2.77 -25.06 5.19
N TRP A 443 3.86 -24.75 5.90
CA TRP A 443 5.18 -25.17 5.45
C TRP A 443 5.25 -26.68 5.29
N THR A 444 4.75 -27.41 6.28
CA THR A 444 4.75 -28.87 6.20
C THR A 444 4.03 -29.35 4.94
N LYS A 445 2.93 -28.70 4.59
CA LYS A 445 2.12 -29.16 3.46
C LYS A 445 2.80 -28.85 2.13
N LEU A 446 3.29 -27.62 1.97
CA LEU A 446 3.80 -27.16 0.68
C LEU A 446 5.29 -26.83 0.67
N GLY A 447 5.96 -26.94 1.80
CA GLY A 447 7.34 -26.49 1.91
C GLY A 447 7.44 -25.02 2.29
N ARG A 448 8.65 -24.61 2.63
CA ARG A 448 8.92 -23.25 3.06
C ARG A 448 9.78 -22.53 2.03
N ASN A 449 9.36 -21.32 1.66
CA ASN A 449 10.14 -20.44 0.81
C ASN A 449 10.84 -19.44 1.72
N TYR A 450 12.08 -19.74 2.07
CA TYR A 450 12.88 -18.78 2.83
C TYR A 450 13.08 -17.52 1.99
N PHE A 451 12.92 -16.36 2.62
CA PHE A 451 12.88 -15.10 1.90
C PHE A 451 13.36 -13.98 2.80
N CYS A 452 14.11 -13.05 2.23
CA CYS A 452 14.55 -11.85 2.94
C CYS A 452 14.83 -10.75 1.94
N ARG A 453 14.84 -9.52 2.44
CA ARG A 453 15.07 -8.34 1.61
C ARG A 453 16.06 -7.42 2.32
N PHE A 454 17.10 -7.02 1.60
CA PHE A 454 18.07 -6.03 2.07
C PHE A 454 17.78 -4.69 1.42
N ASP A 455 17.64 -3.65 2.24
CA ASP A 455 17.41 -2.29 1.75
C ASP A 455 18.69 -1.48 1.95
N TYR A 456 19.18 -0.90 0.86
CA TYR A 456 20.31 0.03 0.87
C TYR A 456 19.76 1.41 0.54
N GLU A 457 19.46 2.20 1.58
CA GLU A 457 18.69 3.42 1.43
C GLU A 457 19.59 4.63 1.17
N ALA A 458 19.05 5.60 0.45
CA ALA A 458 19.68 6.90 0.24
C ALA A 458 21.13 6.76 -0.18
N ILE A 459 21.33 6.03 -1.29
CA ILE A 459 22.64 5.90 -1.89
C ILE A 459 22.71 6.83 -3.09
N ASP A 460 23.94 7.20 -3.45
CA ASP A 460 24.19 8.09 -4.58
C ASP A 460 23.45 7.59 -5.82
N PRO A 461 22.46 8.34 -6.32
CA PRO A 461 21.75 7.88 -7.53
C PRO A 461 22.67 7.67 -8.72
N ARG A 462 23.83 8.31 -8.73
CA ARG A 462 24.80 8.07 -9.80
C ARG A 462 25.41 6.68 -9.66
N ALA A 463 25.83 6.31 -8.45
CA ALA A 463 26.35 4.96 -8.23
C ALA A 463 25.26 3.92 -8.47
N ALA A 464 24.04 4.19 -8.02
CA ALA A 464 22.93 3.27 -8.28
C ALA A 464 22.76 3.04 -9.78
N PHE A 465 22.82 4.10 -10.57
CA PHE A 465 22.66 3.97 -12.01
C PHE A 465 23.66 2.98 -12.57
N TYR A 466 24.96 3.22 -12.34
CA TYR A 466 25.98 2.36 -12.91
C TYR A 466 25.96 0.97 -12.30
N LEU A 467 25.59 0.85 -11.03
CA LEU A 467 25.46 -0.47 -10.42
C LEU A 467 24.47 -1.31 -11.21
N MET A 468 23.26 -0.79 -11.43
CA MET A 468 22.26 -1.54 -12.18
C MET A 468 22.67 -1.73 -13.63
N LYS A 469 23.19 -0.67 -14.28
CA LYS A 469 23.64 -0.81 -15.66
C LYS A 469 24.65 -1.94 -15.79
N ASP A 470 25.64 -1.97 -14.91
CA ASP A 470 26.69 -2.99 -14.99
C ASP A 470 26.14 -4.37 -14.65
N LEU A 471 25.30 -4.47 -13.62
CA LEU A 471 24.72 -5.75 -13.26
C LEU A 471 23.85 -6.29 -14.38
N GLU A 472 23.07 -5.41 -15.03
CA GLU A 472 22.24 -5.85 -16.15
C GLU A 472 23.11 -6.41 -17.27
N ALA A 473 24.26 -5.79 -17.54
CA ALA A 473 25.14 -6.31 -18.57
C ALA A 473 25.70 -7.67 -18.19
N VAL A 474 25.96 -7.89 -16.90
CA VAL A 474 26.49 -9.18 -16.43
C VAL A 474 25.47 -10.29 -16.67
N ILE A 475 24.26 -10.12 -16.14
CA ILE A 475 23.27 -11.20 -16.22
C ILE A 475 22.69 -11.37 -17.60
N SER A 476 22.88 -10.39 -18.49
CA SER A 476 22.41 -10.50 -19.86
C SER A 476 23.44 -11.14 -20.80
N ASP A 477 24.68 -11.29 -20.35
CA ASP A 477 25.69 -11.94 -21.17
C ASP A 477 25.22 -13.32 -21.62
N LYS A 478 25.65 -13.71 -22.82
CA LYS A 478 25.20 -14.97 -23.40
C LYS A 478 25.56 -16.16 -22.52
N ALA A 479 26.73 -16.12 -21.89
CA ALA A 479 27.25 -17.26 -21.13
C ALA A 479 26.81 -17.25 -19.68
N PHE A 480 26.00 -16.28 -19.25
CA PHE A 480 25.63 -16.21 -17.84
C PHE A 480 24.73 -17.37 -17.43
N CYS A 481 23.90 -17.87 -18.35
CA CYS A 481 23.05 -19.01 -18.04
C CYS A 481 23.82 -20.30 -17.88
N SER A 482 25.11 -20.32 -18.22
CA SER A 482 25.96 -21.48 -18.00
C SER A 482 26.87 -21.32 -16.79
N GLN A 483 26.62 -20.31 -15.96
CA GLN A 483 27.46 -20.04 -14.81
C GLN A 483 26.91 -20.74 -13.56
N LYS A 484 27.81 -21.03 -12.64
CA LYS A 484 27.46 -21.55 -11.33
C LYS A 484 28.34 -20.88 -10.29
N PHE A 485 27.79 -20.73 -9.09
CA PHE A 485 28.44 -20.01 -8.00
C PHE A 485 28.53 -20.91 -6.78
N ALA A 486 29.67 -20.83 -6.08
CA ALA A 486 29.90 -21.58 -4.86
C ALA A 486 30.22 -20.62 -3.73
N VAL A 487 29.53 -20.79 -2.61
CA VAL A 487 29.81 -20.07 -1.37
C VAL A 487 29.81 -21.12 -0.26
N GLY A 488 30.98 -21.42 0.29
CA GLY A 488 31.07 -22.52 1.23
C GLY A 488 30.74 -23.83 0.53
N ASN A 489 29.88 -24.62 1.15
CA ASN A 489 29.44 -25.89 0.58
C ASN A 489 28.21 -25.75 -0.30
N SER A 490 27.65 -24.55 -0.44
CA SER A 490 26.46 -24.32 -1.24
C SER A 490 26.84 -23.96 -2.67
N VAL A 491 26.00 -24.39 -3.61
CA VAL A 491 26.22 -24.16 -5.03
C VAL A 491 24.91 -23.69 -5.65
N TYR A 492 25.00 -22.73 -6.57
CA TYR A 492 23.83 -22.19 -7.25
C TYR A 492 24.13 -22.06 -8.73
N SER A 493 23.26 -22.61 -9.56
CA SER A 493 23.45 -22.66 -11.00
C SER A 493 22.41 -21.80 -11.69
N VAL A 494 22.86 -20.85 -12.51
CA VAL A 494 21.94 -19.93 -13.17
C VAL A 494 21.05 -20.72 -14.12
N GLU A 495 19.74 -20.60 -13.93
CA GLU A 495 18.76 -21.17 -14.85
C GLU A 495 18.34 -20.16 -15.90
N LYS A 496 17.94 -18.97 -15.48
CA LYS A 496 17.64 -17.87 -16.39
C LYS A 496 17.76 -16.56 -15.64
N ALA A 497 17.97 -15.48 -16.40
CA ALA A 497 18.14 -14.16 -15.82
C ALA A 497 17.70 -13.12 -16.84
N ASP A 498 17.07 -12.04 -16.36
CA ASP A 498 16.52 -11.04 -17.25
C ASP A 498 16.30 -9.75 -16.48
N ASN A 499 16.03 -8.68 -17.24
CA ASN A 499 15.58 -7.40 -16.71
C ASN A 499 14.07 -7.38 -16.84
N PHE A 500 13.36 -7.55 -15.72
CA PHE A 500 11.96 -7.92 -15.77
C PHE A 500 11.13 -6.89 -16.51
N GLU A 501 10.22 -7.39 -17.35
CA GLU A 501 9.30 -6.59 -18.13
C GLU A 501 7.89 -7.15 -17.96
N TYR A 502 6.90 -6.26 -17.99
CA TYR A 502 5.51 -6.66 -17.83
C TYR A 502 4.68 -5.91 -18.85
N ILE A 503 3.96 -6.66 -19.69
CA ILE A 503 3.02 -6.09 -20.64
C ILE A 503 1.63 -6.38 -20.09
N ASP A 504 0.93 -5.34 -19.67
CA ASP A 504 -0.36 -5.51 -19.03
C ASP A 504 -1.31 -6.27 -19.94
N PRO A 505 -1.84 -7.43 -19.52
CA PRO A 505 -2.70 -8.21 -20.42
C PRO A 505 -4.09 -7.64 -20.60
N VAL A 506 -4.39 -6.48 -20.02
CA VAL A 506 -5.72 -5.86 -20.11
C VAL A 506 -5.68 -4.61 -20.97
N ASP A 507 -4.84 -3.63 -20.61
CA ASP A 507 -4.74 -2.37 -21.34
C ASP A 507 -3.44 -2.23 -22.12
N GLY A 508 -2.56 -3.24 -22.09
CA GLY A 508 -1.36 -3.22 -22.89
C GLY A 508 -0.24 -2.34 -22.39
N THR A 509 -0.40 -1.70 -21.23
CA THR A 509 0.68 -0.91 -20.65
C THR A 509 1.93 -1.76 -20.53
N VAL A 510 3.07 -1.16 -20.88
CA VAL A 510 4.35 -1.85 -20.89
C VAL A 510 5.24 -1.25 -19.82
N ALA A 511 5.67 -2.07 -18.87
CA ALA A 511 6.55 -1.64 -17.79
C ALA A 511 7.89 -2.33 -17.97
N ARG A 512 8.92 -1.55 -18.28
CA ARG A 512 10.28 -2.05 -18.49
C ARG A 512 11.17 -1.67 -17.32
N ASN A 513 12.28 -2.38 -17.18
CA ASN A 513 13.24 -2.12 -16.12
C ASN A 513 12.58 -2.20 -14.74
N GLN A 514 11.86 -3.29 -14.52
CA GLN A 514 11.11 -3.51 -13.29
C GLN A 514 11.82 -4.46 -12.34
N GLY A 515 13.15 -4.58 -12.45
CA GLY A 515 13.92 -5.42 -11.55
C GLY A 515 14.78 -6.45 -12.25
N LEU A 516 16.04 -6.56 -11.83
CA LEU A 516 16.95 -7.58 -12.35
C LEU A 516 16.74 -8.86 -11.55
N ARG A 517 16.60 -9.98 -12.27
CA ARG A 517 16.16 -11.24 -11.70
C ARG A 517 17.10 -12.34 -12.14
N ILE A 518 17.63 -13.09 -11.17
CA ILE A 518 18.44 -14.27 -11.43
C ILE A 518 17.72 -15.46 -10.79
N ILE A 519 17.29 -16.39 -11.63
CA ILE A 519 16.63 -17.61 -11.17
C ILE A 519 17.62 -18.76 -11.29
N PHE A 520 17.88 -19.43 -10.17
CA PHE A 520 18.83 -20.53 -10.13
C PHE A 520 18.11 -21.86 -10.29
N SER A 521 18.89 -22.88 -10.67
CA SER A 521 18.31 -24.20 -10.89
C SER A 521 17.85 -24.84 -9.59
N GLU A 522 18.51 -24.54 -8.48
CA GLU A 522 18.22 -25.17 -7.19
C GLU A 522 17.08 -24.45 -6.45
N SER A 523 16.00 -24.16 -7.17
CA SER A 523 14.82 -23.52 -6.59
C SER A 523 15.20 -22.32 -5.72
N SER A 524 15.86 -21.35 -6.35
CA SER A 524 16.32 -20.16 -5.64
C SER A 524 16.32 -18.97 -6.58
N ARG A 525 16.19 -17.78 -5.99
CA ARG A 525 16.09 -16.55 -6.76
C ARG A 525 16.89 -15.43 -6.08
N LEU A 526 17.46 -14.56 -6.90
CA LEU A 526 17.96 -13.25 -6.49
C LEU A 526 17.28 -12.18 -7.33
N ILE A 527 16.85 -11.10 -6.68
CA ILE A 527 16.25 -9.97 -7.36
C ILE A 527 16.93 -8.68 -6.91
N PHE A 528 17.17 -7.78 -7.85
CA PHE A 528 17.72 -6.45 -7.58
C PHE A 528 16.76 -5.41 -8.14
N ARG A 529 16.28 -4.52 -7.28
CA ARG A 529 15.38 -3.45 -7.67
C ARG A 529 15.93 -2.11 -7.22
N LEU A 530 15.82 -1.11 -8.09
CA LEU A 530 16.12 0.27 -7.75
C LEU A 530 14.81 1.02 -7.58
N SER A 531 14.59 1.55 -6.38
CA SER A 531 13.32 2.19 -6.07
C SER A 531 13.16 3.50 -6.84
N GLY A 536 13.33 12.84 -1.88
CA GLY A 536 14.69 13.28 -1.65
C GLY A 536 15.61 13.01 -2.82
N VAL A 537 16.91 13.25 -2.62
CA VAL A 537 17.88 13.05 -3.69
C VAL A 537 18.28 11.59 -3.82
N GLY A 538 18.46 10.90 -2.69
CA GLY A 538 18.97 9.55 -2.72
C GLY A 538 17.98 8.56 -3.29
N ALA A 539 18.51 7.42 -3.74
CA ALA A 539 17.74 6.29 -4.22
C ALA A 539 17.94 5.11 -3.29
N THR A 540 17.10 4.08 -3.46
CA THR A 540 17.16 2.88 -2.65
C THR A 540 17.32 1.67 -3.58
N ILE A 541 18.30 0.82 -3.27
CA ILE A 541 18.49 -0.45 -3.96
C ILE A 541 18.05 -1.57 -3.02
N ARG A 542 17.14 -2.41 -3.50
CA ARG A 542 16.62 -3.52 -2.72
C ARG A 542 17.10 -4.82 -3.34
N ILE A 543 17.65 -5.70 -2.51
CA ILE A 543 18.08 -7.03 -2.91
C ILE A 543 17.18 -8.04 -2.21
N TYR A 544 16.55 -8.92 -2.99
CA TYR A 544 15.69 -9.97 -2.47
C TYR A 544 16.34 -11.32 -2.73
N ALA A 545 16.28 -12.20 -1.72
CA ALA A 545 16.82 -13.54 -1.84
C ALA A 545 15.76 -14.56 -1.43
N GLU A 546 15.68 -15.65 -2.18
CA GLU A 546 14.67 -16.68 -1.92
C GLU A 546 15.30 -18.06 -2.12
N SER A 547 15.03 -18.96 -1.17
CA SER A 547 15.46 -20.35 -1.28
C SER A 547 14.33 -21.24 -0.76
N PHE A 548 13.96 -22.25 -1.56
CA PHE A 548 12.89 -23.15 -1.20
C PHE A 548 13.43 -24.39 -0.51
N GLU A 549 12.73 -24.82 0.53
CA GLU A 549 13.12 -25.98 1.34
C GLU A 549 11.91 -26.92 1.43
N ARG A 550 12.02 -28.09 0.80
CA ARG A 550 10.93 -29.06 0.85
C ARG A 550 10.95 -29.87 2.14
N ASP A 551 12.13 -30.11 2.70
CA ASP A 551 12.26 -30.99 3.87
C ASP A 551 11.57 -30.40 5.09
N PRO A 552 10.50 -31.01 5.60
CA PRO A 552 9.81 -30.42 6.76
C PRO A 552 10.66 -30.34 8.02
N GLU A 553 11.76 -31.09 8.10
CA GLU A 553 12.64 -31.00 9.25
C GLU A 553 13.65 -29.87 9.14
N ARG A 554 13.64 -29.11 8.05
CA ARG A 554 14.52 -27.96 7.86
C ARG A 554 13.70 -26.68 7.71
N HIS A 555 12.64 -26.55 8.51
CA HIS A 555 11.72 -25.43 8.42
C HIS A 555 11.78 -24.53 9.65
N ASN A 556 12.85 -24.62 10.44
CA ASN A 556 13.05 -23.70 11.55
C ASN A 556 14.47 -23.14 11.57
N ARG A 557 15.15 -23.13 10.43
CA ARG A 557 16.44 -22.47 10.34
C ARG A 557 16.25 -20.96 10.32
N GLU A 558 17.30 -20.25 10.73
CA GLU A 558 17.26 -18.80 10.69
C GLU A 558 17.39 -18.32 9.25
N PRO A 559 16.46 -17.51 8.73
CA PRO A 559 16.55 -17.11 7.32
C PRO A 559 17.90 -16.57 6.91
N GLN A 560 18.51 -15.71 7.73
CA GLN A 560 19.82 -15.16 7.39
C GLN A 560 20.88 -16.24 7.27
N VAL A 561 20.67 -17.41 7.88
CA VAL A 561 21.59 -18.52 7.69
C VAL A 561 21.32 -19.23 6.38
N VAL A 562 20.06 -19.60 6.14
CA VAL A 562 19.70 -20.29 4.90
C VAL A 562 20.12 -19.47 3.69
N LEU A 563 19.93 -18.15 3.76
CA LEU A 563 20.10 -17.27 2.62
C LEU A 563 21.45 -16.55 2.60
N GLY A 564 22.29 -16.79 3.60
CA GLY A 564 23.61 -16.17 3.64
C GLY A 564 24.38 -16.35 2.36
N PRO A 565 24.46 -17.60 1.87
CA PRO A 565 25.20 -17.82 0.61
C PRO A 565 24.66 -17.01 -0.55
N LEU A 566 23.34 -17.00 -0.76
CA LEU A 566 22.77 -16.23 -1.86
C LEU A 566 23.03 -14.75 -1.68
N ILE A 567 22.89 -14.23 -0.46
CA ILE A 567 23.22 -12.83 -0.20
C ILE A 567 24.67 -12.56 -0.60
N ALA A 568 25.59 -13.45 -0.21
CA ALA A 568 26.98 -13.26 -0.56
C ALA A 568 27.15 -13.15 -2.07
N ILE A 569 26.44 -13.98 -2.83
CA ILE A 569 26.50 -13.88 -4.29
C ILE A 569 26.00 -12.52 -4.74
N ALA A 570 24.87 -12.07 -4.17
CA ALA A 570 24.31 -10.79 -4.57
C ALA A 570 25.30 -9.65 -4.36
N LEU A 571 25.87 -9.56 -3.15
CA LEU A 571 26.80 -8.48 -2.86
C LEU A 571 28.04 -8.54 -3.74
N LYS A 572 28.45 -9.75 -4.14
CA LYS A 572 29.66 -9.90 -4.96
C LYS A 572 29.40 -9.46 -6.39
N ILE A 573 28.44 -10.11 -7.06
CA ILE A 573 28.20 -9.81 -8.47
C ILE A 573 27.76 -8.36 -8.65
N SER A 574 27.06 -7.80 -7.66
CA SER A 574 26.63 -6.42 -7.73
C SER A 574 27.70 -5.44 -7.26
N ASP A 575 28.60 -5.89 -6.39
CA ASP A 575 29.67 -5.04 -5.86
C ASP A 575 29.10 -3.77 -5.24
N ILE A 576 27.98 -3.93 -4.53
CA ILE A 576 27.24 -2.77 -4.02
C ILE A 576 28.00 -2.08 -2.90
N HIS A 577 28.67 -2.85 -2.04
CA HIS A 577 29.34 -2.25 -0.88
C HIS A 577 30.43 -1.29 -1.33
N GLU A 578 31.27 -1.72 -2.28
CA GLU A 578 32.31 -0.83 -2.79
C GLU A 578 31.69 0.39 -3.47
N ARG A 579 30.73 0.18 -4.37
CA ARG A 579 30.18 1.27 -5.16
C ARG A 579 29.50 2.32 -4.29
N THR A 580 28.96 1.92 -3.13
CA THR A 580 28.24 2.83 -2.28
C THR A 580 28.99 3.20 -1.00
N GLY A 581 30.14 2.57 -0.75
CA GLY A 581 30.86 2.79 0.49
C GLY A 581 30.25 2.12 1.70
N ARG A 582 29.01 1.66 1.61
CA ARG A 582 28.40 0.92 2.70
C ARG A 582 29.09 -0.43 2.87
N ARG A 583 29.03 -0.98 4.08
CA ARG A 583 29.42 -2.37 4.30
C ARG A 583 28.29 -3.13 4.98
N GLY A 584 27.05 -2.74 4.72
CA GLY A 584 25.90 -3.45 5.23
C GLY A 584 24.61 -2.77 4.82
N PRO A 585 23.51 -3.52 4.85
CA PRO A 585 22.22 -2.93 4.50
C PRO A 585 21.69 -2.01 5.59
N THR A 586 20.84 -1.08 5.18
CA THR A 586 20.19 -0.21 6.15
C THR A 586 19.11 -0.95 6.92
N VAL A 587 18.29 -1.73 6.22
CA VAL A 587 17.20 -2.47 6.84
C VAL A 587 17.20 -3.88 6.28
N ILE A 588 16.79 -4.83 7.12
CA ILE A 588 16.65 -6.23 6.72
C ILE A 588 15.27 -6.71 7.15
N THR A 589 14.55 -7.33 6.23
CA THR A 589 13.20 -7.83 6.49
C THR A 589 13.10 -9.29 6.09
#